data_8UH1
#
_entry.id   8UH1
#
_cell.length_a   65.503
_cell.length_b   131.185
_cell.length_c   59.659
_cell.angle_alpha   90
_cell.angle_beta   90
_cell.angle_gamma   90
#
_symmetry.space_group_name_H-M   'C 2 2 21'
#
loop_
_entity.id
_entity.type
_entity.pdbx_description
1 polymer 'Eukaryotic translation initiation factor 4E type 6'
2 polymer 'MIF4G domain-containing protein'
3 water water
#
loop_
_entity_poly.entity_id
_entity_poly.type
_entity_poly.pdbx_seq_one_letter_code
_entity_poly.pdbx_strand_id
1 'polypeptide(L)'
;MAAEATEKPHPLKDRWFVSYFPVVKQKKFSKDSEEQKGVELDWVSTAEELHATINAFSPLTLLPPDDNLVFAREKVEPFF
ENFPNGMRVSVFTRTKVQATQAVPLVLAAVMGEHLRTVTDGPSHADVVRIAHKPGTVYPESLRVEVWLRDRSKVDAVTKY
FSEMLAPHPGIRVAGRPINAEGEEAKLERPHRD
;
A
2 'polypeptide(L)' SSYPEDCVYEIAEFTRLQNTKCLPPKGILQFATDLWKESGW B
#
# COMPACT_ATOMS: atom_id res chain seq x y z
N GLU A 7 2.19 -2.31 23.19
CA GLU A 7 3.38 -3.14 23.00
C GLU A 7 3.06 -4.39 22.17
N LYS A 8 1.87 -4.96 22.38
CA LYS A 8 1.46 -6.13 21.61
C LYS A 8 1.28 -5.74 20.14
N PRO A 9 1.58 -6.65 19.19
CA PRO A 9 1.37 -6.30 17.77
C PRO A 9 -0.10 -6.05 17.43
N HIS A 10 -0.36 -5.36 16.33
CA HIS A 10 -1.70 -5.05 15.89
C HIS A 10 -1.91 -5.95 14.70
N PRO A 11 -2.68 -7.06 14.85
CA PRO A 11 -2.82 -7.98 13.71
C PRO A 11 -3.59 -7.41 12.54
N LEU A 12 -3.23 -7.82 11.34
CA LEU A 12 -3.97 -7.44 10.15
C LEU A 12 -5.12 -8.45 10.00
N LYS A 13 -6.25 -8.00 9.46
CA LYS A 13 -7.43 -8.87 9.26
C LYS A 13 -7.06 -10.03 8.32
N ASP A 14 -6.28 -9.73 7.28
CA ASP A 14 -5.76 -10.79 6.41
C ASP A 14 -4.25 -10.70 6.38
N ARG A 15 -3.58 -11.79 6.03
CA ARG A 15 -2.14 -11.76 5.83
C ARG A 15 -1.91 -11.35 4.36
N TRP A 16 -0.83 -10.57 4.12
CA TRP A 16 -0.53 -10.03 2.82
C TRP A 16 0.83 -10.48 2.40
N PHE A 17 0.93 -10.95 1.15
CA PHE A 17 2.22 -11.42 0.65
C PHE A 17 2.93 -10.30 -0.11
N VAL A 18 4.19 -10.07 0.23
CA VAL A 18 4.98 -8.99 -0.36
C VAL A 18 5.91 -9.50 -1.47
N SER A 19 5.82 -8.90 -2.64
CA SER A 19 6.64 -9.21 -3.81
C SER A 19 7.24 -7.92 -4.35
N TYR A 20 8.33 -8.06 -5.13
CA TYR A 20 8.99 -6.95 -5.77
C TYR A 20 9.09 -7.25 -7.25
N PHE A 21 8.57 -6.38 -8.12
CA PHE A 21 8.61 -6.59 -9.56
C PHE A 21 9.50 -5.56 -10.23
N PRO A 22 10.76 -5.91 -10.53
CA PRO A 22 11.62 -4.97 -11.25
C PRO A 22 11.18 -4.79 -12.71
N VAL A 23 11.58 -3.68 -13.33
CA VAL A 23 11.26 -3.43 -14.74
C VAL A 23 12.20 -4.14 -15.74
N LYS A 37 8.98 -11.29 -14.52
CA LYS A 37 8.13 -11.69 -13.40
C LYS A 37 8.70 -11.17 -12.03
N GLY A 38 7.99 -11.44 -10.93
CA GLY A 38 8.35 -10.91 -9.63
C GLY A 38 9.21 -11.76 -8.73
N VAL A 39 9.70 -11.13 -7.68
CA VAL A 39 10.54 -11.74 -6.66
C VAL A 39 9.65 -11.91 -5.45
N GLU A 40 9.40 -13.13 -4.99
CA GLU A 40 8.55 -13.36 -3.82
C GLU A 40 9.37 -13.05 -2.59
N LEU A 41 8.89 -12.21 -1.69
CA LEU A 41 9.68 -11.82 -0.53
C LEU A 41 9.22 -12.50 0.77
N ASP A 42 8.06 -12.11 1.33
CA ASP A 42 7.62 -12.70 2.60
C ASP A 42 6.21 -12.25 2.96
N TRP A 43 5.61 -12.97 3.91
CA TRP A 43 4.30 -12.58 4.40
C TRP A 43 4.44 -11.44 5.40
N VAL A 44 3.41 -10.59 5.52
CA VAL A 44 3.27 -9.62 6.59
C VAL A 44 1.88 -9.87 7.21
N SER A 45 1.81 -9.95 8.53
CA SER A 45 0.52 -10.22 9.18
C SER A 45 0.19 -9.28 10.32
N THR A 46 1.03 -8.25 10.56
CA THR A 46 0.74 -7.24 11.57
C THR A 46 1.01 -5.85 10.96
N ALA A 47 0.41 -4.82 11.55
CA ALA A 47 0.58 -3.43 11.12
C ALA A 47 2.05 -3.04 11.29
N GLU A 48 2.71 -3.50 12.34
CA GLU A 48 4.12 -3.21 12.58
C GLU A 48 5.02 -3.82 11.48
N GLU A 49 4.75 -5.07 11.05
CA GLU A 49 5.55 -5.70 10.01
C GLU A 49 5.31 -4.97 8.67
N LEU A 50 4.06 -4.56 8.41
CA LEU A 50 3.68 -3.83 7.19
C LEU A 50 4.42 -2.48 7.15
N HIS A 51 4.39 -1.72 8.27
CA HIS A 51 5.10 -0.43 8.31
C HIS A 51 6.62 -0.63 8.23
N ALA A 52 7.13 -1.70 8.86
CA ALA A 52 8.57 -1.98 8.80
C ALA A 52 8.98 -2.27 7.36
N THR A 53 8.10 -2.93 6.58
CA THR A 53 8.33 -3.24 5.19
C THR A 53 8.42 -1.94 4.41
N ILE A 54 7.47 -1.00 4.64
CA ILE A 54 7.53 0.29 3.96
C ILE A 54 8.79 1.05 4.34
N ASN A 55 9.15 1.07 5.63
CA ASN A 55 10.37 1.76 6.08
C ASN A 55 11.63 1.16 5.42
N ALA A 56 11.66 -0.17 5.19
CA ALA A 56 12.84 -0.80 4.56
C ALA A 56 13.01 -0.39 3.09
N PHE A 57 11.90 -0.14 2.40
CA PHE A 57 11.92 0.32 1.02
C PHE A 57 11.83 1.87 0.91
N SER A 58 12.05 2.60 2.03
CA SER A 58 11.97 4.06 2.01
C SER A 58 13.35 4.71 1.90
N PRO A 59 13.44 5.91 1.27
CA PRO A 59 12.33 6.67 0.65
C PRO A 59 11.84 5.99 -0.62
N LEU A 60 10.53 5.77 -0.71
CA LEU A 60 9.92 5.14 -1.87
C LEU A 60 10.19 5.96 -3.15
N THR A 61 10.35 7.28 -2.99
CA THR A 61 10.65 8.23 -4.05
C THR A 61 12.08 8.04 -4.62
N LEU A 62 12.96 7.26 -3.94
CA LEU A 62 14.29 6.97 -4.45
C LEU A 62 14.41 5.52 -4.99
N LEU A 63 13.28 4.77 -5.06
CA LEU A 63 13.30 3.42 -5.62
C LEU A 63 13.65 3.45 -7.11
N PRO A 64 14.20 2.36 -7.69
CA PRO A 64 14.44 2.38 -9.15
C PRO A 64 13.16 2.67 -9.95
N PRO A 65 13.22 3.60 -10.91
CA PRO A 65 12.00 3.96 -11.65
C PRO A 65 11.23 2.78 -12.25
N ASP A 66 9.89 2.81 -12.14
CA ASP A 66 8.98 1.84 -12.74
C ASP A 66 8.85 0.51 -11.99
N ASP A 67 9.82 0.11 -11.13
CA ASP A 67 9.68 -1.12 -10.33
C ASP A 67 8.45 -1.00 -9.42
N ASN A 68 7.70 -2.09 -9.22
CA ASN A 68 6.53 -2.10 -8.35
C ASN A 68 6.76 -2.93 -7.10
N LEU A 69 6.53 -2.35 -5.94
CA LEU A 69 6.54 -3.09 -4.69
C LEU A 69 5.05 -3.46 -4.52
N VAL A 70 4.75 -4.76 -4.38
CA VAL A 70 3.41 -5.30 -4.36
C VAL A 70 3.01 -6.02 -3.04
N PHE A 71 1.79 -5.73 -2.53
CA PHE A 71 1.22 -6.41 -1.37
C PHE A 71 -0.04 -7.10 -1.90
N ALA A 72 -0.14 -8.40 -1.72
CA ALA A 72 -1.28 -9.17 -2.20
C ALA A 72 -1.99 -9.91 -1.07
N ARG A 73 -3.30 -9.65 -0.92
CA ARG A 73 -4.12 -10.26 0.10
C ARG A 73 -4.16 -11.79 -0.06
N GLU A 74 -3.67 -12.50 0.94
CA GLU A 74 -3.61 -13.96 0.93
C GLU A 74 -2.83 -14.53 -0.27
N LYS A 75 -1.83 -13.78 -0.76
CA LYS A 75 -0.98 -14.22 -1.87
C LYS A 75 -1.74 -14.42 -3.18
N VAL A 76 -2.75 -13.54 -3.48
CA VAL A 76 -3.41 -13.61 -4.80
C VAL A 76 -2.35 -13.24 -5.86
N GLU A 77 -2.29 -13.92 -7.02
CA GLU A 77 -1.29 -13.61 -8.04
C GLU A 77 -1.63 -12.24 -8.61
N PRO A 78 -0.70 -11.27 -8.46
CA PRO A 78 -1.03 -9.89 -8.83
C PRO A 78 -0.95 -9.61 -10.32
N PHE A 79 -1.86 -10.21 -11.08
CA PHE A 79 -1.93 -10.04 -12.52
C PHE A 79 -3.36 -9.73 -12.91
N PHE A 80 -3.53 -8.89 -13.93
CA PHE A 80 -4.83 -8.45 -14.42
C PHE A 80 -5.77 -9.61 -14.82
N GLU A 81 -5.21 -10.79 -15.16
CA GLU A 81 -6.03 -11.94 -15.52
C GLU A 81 -6.84 -12.45 -14.33
N ASN A 82 -6.36 -12.24 -13.08
CA ASN A 82 -7.08 -12.66 -11.88
C ASN A 82 -8.11 -11.66 -11.37
N PHE A 83 -8.28 -10.53 -12.08
CA PHE A 83 -9.23 -9.48 -11.73
C PHE A 83 -10.06 -9.21 -13.00
N PRO A 84 -10.82 -10.20 -13.53
CA PRO A 84 -11.50 -10.01 -14.81
C PRO A 84 -12.46 -8.83 -14.87
N ASN A 85 -13.26 -8.61 -13.82
CA ASN A 85 -14.18 -7.48 -13.83
C ASN A 85 -13.93 -6.59 -12.63
N GLY A 86 -12.65 -6.28 -12.41
CA GLY A 86 -12.22 -5.44 -11.31
C GLY A 86 -11.98 -4.00 -11.72
N MET A 87 -11.50 -3.21 -10.78
CA MET A 87 -11.19 -1.79 -10.99
C MET A 87 -9.85 -1.47 -10.34
N ARG A 88 -9.19 -0.43 -10.84
CA ARG A 88 -7.91 0.02 -10.35
C ARG A 88 -8.05 1.46 -9.86
N VAL A 89 -7.83 1.69 -8.58
CA VAL A 89 -7.90 3.04 -8.01
C VAL A 89 -6.47 3.53 -7.77
N SER A 90 -6.08 4.62 -8.44
CA SER A 90 -4.72 5.12 -8.37
C SER A 90 -4.62 6.45 -7.66
N VAL A 91 -3.62 6.55 -6.80
CA VAL A 91 -3.29 7.77 -6.10
C VAL A 91 -1.93 8.24 -6.64
N PHE A 92 -1.89 9.40 -7.26
CA PHE A 92 -0.65 9.93 -7.81
C PHE A 92 -0.15 11.05 -6.95
N THR A 93 1.08 10.96 -6.49
CA THR A 93 1.70 12.03 -5.71
C THR A 93 2.87 12.61 -6.51
N ARG A 94 3.26 13.85 -6.23
CA ARG A 94 4.36 14.49 -6.96
C ARG A 94 5.60 14.76 -6.12
N THR A 95 5.42 14.95 -4.80
CA THR A 95 6.54 15.28 -3.90
C THR A 95 6.73 14.23 -2.78
N LYS A 96 7.87 14.28 -2.09
CA LYS A 96 8.19 13.39 -0.97
C LYS A 96 7.23 13.67 0.19
N VAL A 97 6.89 14.96 0.44
CA VAL A 97 5.94 15.27 1.52
C VAL A 97 4.56 14.63 1.24
N GLN A 98 4.09 14.69 -0.02
CA GLN A 98 2.81 14.08 -0.42
C GLN A 98 2.84 12.55 -0.31
N ALA A 99 3.96 11.89 -0.64
CA ALA A 99 4.07 10.44 -0.49
C ALA A 99 3.96 10.05 0.99
N THR A 100 4.61 10.85 1.86
CA THR A 100 4.59 10.67 3.32
C THR A 100 3.16 10.77 3.88
N GLN A 101 2.27 11.50 3.21
CA GLN A 101 0.88 11.63 3.62
C GLN A 101 0.02 10.49 3.01
N ALA A 102 0.06 10.31 1.69
CA ALA A 102 -0.76 9.35 0.96
C ALA A 102 -0.50 7.86 1.24
N VAL A 103 0.78 7.42 1.27
CA VAL A 103 1.08 6.02 1.48
C VAL A 103 0.48 5.47 2.79
N PRO A 104 0.72 6.08 3.99
CA PRO A 104 0.10 5.52 5.21
C PRO A 104 -1.43 5.50 5.11
N LEU A 105 -2.01 6.54 4.49
CA LEU A 105 -3.45 6.56 4.32
C LEU A 105 -3.97 5.38 3.50
N VAL A 106 -3.31 5.05 2.38
CA VAL A 106 -3.72 3.90 1.56
C VAL A 106 -3.58 2.61 2.35
N LEU A 107 -2.43 2.44 3.05
CA LEU A 107 -2.23 1.22 3.86
C LEU A 107 -3.31 1.07 4.93
N ALA A 108 -3.71 2.18 5.58
CA ALA A 108 -4.75 2.12 6.62
C ALA A 108 -6.11 1.75 6.01
N ALA A 109 -6.42 2.31 4.84
CA ALA A 109 -7.70 2.02 4.19
C ALA A 109 -7.75 0.56 3.74
N VAL A 110 -6.64 0.01 3.22
CA VAL A 110 -6.64 -1.32 2.66
C VAL A 110 -6.25 -2.39 3.69
N MET A 111 -4.99 -2.42 4.16
CA MET A 111 -4.54 -3.44 5.11
C MET A 111 -5.16 -3.26 6.48
N GLY A 112 -5.33 -2.02 6.87
CA GLY A 112 -6.00 -1.65 8.11
C GLY A 112 -7.51 -1.83 8.05
N GLU A 113 -8.06 -2.06 6.83
CA GLU A 113 -9.48 -2.34 6.55
C GLU A 113 -10.45 -1.20 6.81
N HIS A 114 -9.96 0.05 6.89
CA HIS A 114 -10.85 1.17 7.13
C HIS A 114 -11.84 1.39 5.95
N LEU A 115 -11.48 0.94 4.73
CA LEU A 115 -12.40 1.01 3.58
C LEU A 115 -13.73 0.29 3.87
N ARG A 116 -13.73 -0.71 4.78
CA ARG A 116 -14.97 -1.44 5.16
C ARG A 116 -16.03 -0.55 5.78
N THR A 117 -15.65 0.64 6.28
CA THR A 117 -16.65 1.58 6.81
C THR A 117 -17.54 2.13 5.67
N VAL A 118 -17.14 2.00 4.38
CA VAL A 118 -17.97 2.44 3.25
C VAL A 118 -18.37 1.27 2.35
N THR A 119 -17.70 0.10 2.43
CA THR A 119 -18.02 -1.01 1.54
C THR A 119 -19.03 -2.01 2.14
N ASP A 120 -19.54 -1.76 3.36
CA ASP A 120 -20.53 -2.61 4.04
C ASP A 120 -20.13 -4.07 4.04
N GLY A 121 -18.92 -4.33 4.53
CA GLY A 121 -18.35 -5.66 4.51
C GLY A 121 -17.01 -5.63 3.80
N PRO A 122 -16.55 -6.77 3.27
CA PRO A 122 -15.25 -6.79 2.59
C PRO A 122 -15.13 -5.81 1.43
N SER A 123 -14.01 -5.12 1.34
CA SER A 123 -13.79 -4.14 0.26
C SER A 123 -13.42 -4.80 -1.07
N HIS A 124 -12.79 -5.99 -1.02
CA HIS A 124 -12.23 -6.67 -2.18
C HIS A 124 -11.06 -5.89 -2.79
N ALA A 125 -10.39 -5.04 -1.98
CA ALA A 125 -9.17 -4.30 -2.32
C ALA A 125 -8.10 -5.33 -1.97
N ASP A 126 -7.68 -6.13 -2.97
CA ASP A 126 -6.83 -7.29 -2.77
C ASP A 126 -5.38 -7.13 -3.19
N VAL A 127 -5.05 -6.07 -3.95
CA VAL A 127 -3.65 -5.84 -4.34
C VAL A 127 -3.34 -4.34 -4.17
N VAL A 128 -2.14 -4.04 -3.63
CA VAL A 128 -1.64 -2.68 -3.53
C VAL A 128 -0.27 -2.66 -4.24
N ARG A 129 -0.09 -1.75 -5.17
CA ARG A 129 1.20 -1.64 -5.89
C ARG A 129 1.75 -0.23 -5.71
N ILE A 130 3.06 -0.11 -5.45
CA ILE A 130 3.71 1.18 -5.27
C ILE A 130 4.88 1.27 -6.22
N ALA A 131 4.93 2.35 -7.01
CA ALA A 131 6.06 2.54 -7.93
C ALA A 131 6.52 3.97 -7.91
N HIS A 132 7.84 4.18 -8.04
CA HIS A 132 8.43 5.50 -8.22
C HIS A 132 8.31 5.74 -9.73
N LYS A 133 7.57 6.78 -10.15
CA LYS A 133 7.40 7.08 -11.57
C LYS A 133 7.83 8.52 -11.83
N PRO A 134 9.14 8.75 -12.02
CA PRO A 134 9.62 10.11 -12.18
C PRO A 134 9.12 10.84 -13.41
N GLY A 135 8.74 12.09 -13.21
CA GLY A 135 8.36 12.96 -14.30
C GLY A 135 9.44 13.99 -14.55
N THR A 136 9.35 14.73 -15.67
CA THR A 136 10.32 15.76 -15.98
C THR A 136 10.27 16.88 -14.93
N VAL A 137 9.05 17.34 -14.58
CA VAL A 137 8.92 18.42 -13.59
C VAL A 137 9.01 17.88 -12.16
N TYR A 138 8.38 16.73 -11.89
CA TYR A 138 8.39 16.17 -10.54
C TYR A 138 9.12 14.81 -10.44
N PRO A 139 10.45 14.84 -10.19
CA PRO A 139 11.21 13.59 -10.09
C PRO A 139 10.81 12.65 -8.95
N GLU A 140 10.27 13.15 -7.83
CA GLU A 140 9.88 12.28 -6.71
C GLU A 140 8.45 11.73 -6.84
N SER A 141 7.87 11.73 -8.05
CA SER A 141 6.50 11.26 -8.22
C SER A 141 6.32 9.79 -7.94
N LEU A 142 5.27 9.47 -7.19
CA LEU A 142 4.93 8.09 -6.86
C LEU A 142 3.56 7.76 -7.45
N ARG A 143 3.32 6.47 -7.70
CA ARG A 143 2.00 5.99 -8.12
C ARG A 143 1.65 4.83 -7.21
N VAL A 144 0.54 4.95 -6.47
CA VAL A 144 0.06 3.91 -5.60
C VAL A 144 -1.24 3.42 -6.20
N GLU A 145 -1.34 2.13 -6.51
CA GLU A 145 -2.54 1.55 -7.09
C GLU A 145 -3.20 0.61 -6.06
N VAL A 146 -4.54 0.56 -6.07
CA VAL A 146 -5.35 -0.32 -5.26
C VAL A 146 -6.24 -1.08 -6.23
N TRP A 147 -6.07 -2.41 -6.32
CA TRP A 147 -6.86 -3.24 -7.22
C TRP A 147 -8.05 -3.82 -6.46
N LEU A 148 -9.24 -3.57 -6.99
CA LEU A 148 -10.51 -4.02 -6.46
C LEU A 148 -10.98 -5.15 -7.32
N ARG A 149 -11.31 -6.27 -6.72
CA ARG A 149 -11.82 -7.44 -7.42
C ARG A 149 -13.27 -7.19 -7.90
N ASP A 150 -14.08 -6.51 -7.06
CA ASP A 150 -15.50 -6.24 -7.29
C ASP A 150 -15.73 -4.80 -7.76
N ARG A 151 -16.25 -4.65 -8.98
CA ARG A 151 -16.49 -3.37 -9.63
C ARG A 151 -17.61 -2.53 -8.97
N SER A 152 -18.59 -3.19 -8.35
CA SER A 152 -19.72 -2.50 -7.73
C SER A 152 -19.36 -1.51 -6.61
N LYS A 153 -18.17 -1.67 -6.01
CA LYS A 153 -17.75 -0.82 -4.91
C LYS A 153 -16.82 0.33 -5.30
N VAL A 154 -16.44 0.43 -6.60
CA VAL A 154 -15.50 1.46 -7.06
C VAL A 154 -15.99 2.90 -6.80
N ASP A 155 -17.31 3.15 -6.83
CA ASP A 155 -17.83 4.49 -6.58
C ASP A 155 -17.60 4.89 -5.12
N ALA A 156 -17.84 3.97 -4.18
CA ALA A 156 -17.65 4.25 -2.76
C ALA A 156 -16.17 4.37 -2.43
N VAL A 157 -15.33 3.49 -3.02
CA VAL A 157 -13.89 3.48 -2.81
C VAL A 157 -13.26 4.78 -3.31
N THR A 158 -13.62 5.24 -4.52
CA THR A 158 -13.07 6.47 -5.10
C THR A 158 -13.44 7.70 -4.28
N LYS A 159 -14.71 7.82 -3.89
CA LYS A 159 -15.20 8.93 -3.05
C LYS A 159 -14.39 8.95 -1.71
N TYR A 160 -14.18 7.78 -1.12
CA TYR A 160 -13.43 7.62 0.10
C TYR A 160 -12.01 8.15 -0.04
N PHE A 161 -11.28 7.73 -1.09
CA PHE A 161 -9.92 8.19 -1.33
C PHE A 161 -9.86 9.67 -1.61
N SER A 162 -10.78 10.17 -2.43
CA SER A 162 -10.87 11.60 -2.74
C SER A 162 -11.08 12.43 -1.49
N GLU A 163 -11.97 12.00 -0.57
CA GLU A 163 -12.26 12.73 0.66
C GLU A 163 -11.10 12.63 1.64
N MET A 164 -10.51 11.44 1.77
CA MET A 164 -9.37 11.18 2.64
C MET A 164 -8.15 12.04 2.18
N LEU A 165 -8.04 12.34 0.88
CA LEU A 165 -6.90 13.11 0.33
C LEU A 165 -7.23 14.53 -0.13
N ALA A 166 -8.47 15.00 0.12
CA ALA A 166 -8.89 16.35 -0.21
C ALA A 166 -8.11 17.46 0.51
N PRO A 167 -7.63 17.29 1.77
CA PRO A 167 -6.82 18.34 2.39
C PRO A 167 -5.57 18.72 1.58
N HIS A 168 -5.04 17.76 0.82
CA HIS A 168 -3.84 17.94 0.02
C HIS A 168 -4.22 17.99 -1.45
N PRO A 169 -4.49 19.18 -1.99
CA PRO A 169 -4.91 19.27 -3.40
C PRO A 169 -3.89 18.84 -4.44
N GLY A 170 -2.62 18.69 -4.02
CA GLY A 170 -1.57 18.23 -4.92
C GLY A 170 -1.72 16.75 -5.25
N ILE A 171 -2.29 15.96 -4.34
CA ILE A 171 -2.50 14.52 -4.55
C ILE A 171 -3.70 14.30 -5.49
N ARG A 172 -3.59 13.41 -6.46
CA ARG A 172 -4.66 13.16 -7.44
C ARG A 172 -5.20 11.70 -7.33
N VAL A 173 -6.52 11.49 -7.43
CA VAL A 173 -7.12 10.15 -7.34
C VAL A 173 -7.88 9.81 -8.61
N ALA A 174 -7.69 8.62 -9.19
CA ALA A 174 -8.39 8.24 -10.42
C ALA A 174 -8.74 6.74 -10.46
N GLY A 175 -9.87 6.42 -11.08
CA GLY A 175 -10.32 5.05 -11.24
C GLY A 175 -10.33 4.62 -12.70
N ARG A 176 -9.85 3.42 -12.97
CA ARG A 176 -9.83 2.89 -14.34
C ARG A 176 -10.11 1.39 -14.27
N PRO A 177 -10.81 0.81 -15.26
CA PRO A 177 -11.15 -0.62 -15.17
C PRO A 177 -9.98 -1.58 -15.36
N ILE A 178 -10.18 -2.85 -15.01
CA ILE A 178 -9.19 -3.90 -15.23
C ILE A 178 -9.76 -4.92 -16.21
N SER B 1 -2.42 1.03 20.94
CA SER B 1 -3.22 1.37 22.12
C SER B 1 -4.62 0.77 21.95
N SER B 2 -5.24 0.97 20.76
CA SER B 2 -6.53 0.35 20.48
C SER B 2 -6.33 -0.91 19.63
N TYR B 3 -7.00 -1.98 20.05
CA TYR B 3 -6.94 -3.28 19.42
C TYR B 3 -8.37 -3.73 19.10
N PRO B 4 -9.02 -3.14 18.07
CA PRO B 4 -10.40 -3.53 17.76
C PRO B 4 -10.51 -5.01 17.42
N GLU B 5 -11.53 -5.67 17.95
CA GLU B 5 -11.73 -7.12 17.75
C GLU B 5 -11.93 -7.56 16.30
N ASP B 6 -12.42 -6.67 15.43
CA ASP B 6 -12.61 -7.01 14.02
C ASP B 6 -11.39 -6.65 13.14
N CYS B 7 -10.29 -6.15 13.74
CA CYS B 7 -9.10 -5.69 13.03
C CYS B 7 -9.42 -4.64 11.95
N VAL B 8 -10.40 -3.78 12.22
CA VAL B 8 -10.72 -2.67 11.34
C VAL B 8 -10.26 -1.48 12.18
N TYR B 9 -9.09 -0.94 11.86
CA TYR B 9 -8.44 0.09 12.64
C TYR B 9 -8.87 1.47 12.24
N GLU B 10 -8.84 2.38 13.21
CA GLU B 10 -9.03 3.81 12.94
C GLU B 10 -7.77 4.27 12.18
N ILE B 11 -7.92 5.19 11.20
CA ILE B 11 -6.79 5.68 10.39
C ILE B 11 -5.62 6.19 11.27
N ALA B 12 -5.89 7.09 12.22
CA ALA B 12 -4.85 7.66 13.07
C ALA B 12 -4.09 6.61 13.87
N GLU B 13 -4.82 5.58 14.36
CA GLU B 13 -4.19 4.52 15.14
C GLU B 13 -3.30 3.65 14.25
N PHE B 14 -3.74 3.40 13.01
CA PHE B 14 -2.93 2.61 12.08
C PHE B 14 -1.69 3.39 11.61
N THR B 15 -1.87 4.66 11.28
CA THR B 15 -0.76 5.46 10.77
C THR B 15 0.27 5.78 11.84
N ARG B 16 -0.12 5.88 13.12
CA ARG B 16 0.87 6.17 14.17
C ARG B 16 1.93 5.06 14.33
N LEU B 17 1.66 3.85 13.81
CA LEU B 17 2.58 2.73 13.85
C LEU B 17 3.68 2.79 12.78
N GLN B 18 3.69 3.82 11.91
CA GLN B 18 4.74 3.97 10.90
C GLN B 18 6.13 4.20 11.54
N ASN B 19 6.17 4.65 12.81
CA ASN B 19 7.44 4.87 13.52
C ASN B 19 7.85 3.63 14.34
N THR B 20 7.33 2.46 14.01
CA THR B 20 7.66 1.23 14.71
C THR B 20 9.17 0.93 14.66
N LYS B 21 9.68 0.32 15.74
CA LYS B 21 11.06 -0.16 15.78
C LYS B 21 11.15 -1.67 15.40
N CYS B 22 10.01 -2.29 15.06
CA CYS B 22 9.99 -3.70 14.69
CA CYS B 22 9.90 -3.70 14.65
C CYS B 22 10.70 -3.90 13.36
N LEU B 23 11.39 -5.04 13.22
CA LEU B 23 12.12 -5.34 12.00
C LEU B 23 11.14 -5.98 11.03
N PRO B 24 11.33 -5.80 9.72
CA PRO B 24 10.48 -6.52 8.76
C PRO B 24 10.88 -7.99 8.68
N PRO B 25 9.96 -8.84 8.15
CA PRO B 25 10.28 -10.27 7.97
C PRO B 25 11.59 -10.45 7.18
N LYS B 26 12.35 -11.50 7.51
CA LYS B 26 13.70 -11.74 7.00
C LYS B 26 13.83 -11.69 5.47
N GLY B 27 12.86 -12.21 4.72
CA GLY B 27 12.95 -12.19 3.26
C GLY B 27 12.87 -10.76 2.72
N ILE B 28 12.06 -9.93 3.35
CA ILE B 28 11.93 -8.52 2.97
C ILE B 28 13.18 -7.76 3.42
N LEU B 29 13.64 -8.00 4.66
CA LEU B 29 14.79 -7.34 5.25
C LEU B 29 16.04 -7.53 4.37
N GLN B 30 16.31 -8.78 3.97
CA GLN B 30 17.49 -9.07 3.16
C GLN B 30 17.38 -8.42 1.78
N PHE B 31 16.22 -8.52 1.15
CA PHE B 31 16.05 -7.97 -0.20
C PHE B 31 16.21 -6.45 -0.20
N ALA B 32 15.59 -5.76 0.77
CA ALA B 32 15.63 -4.29 0.83
C ALA B 32 17.06 -3.82 1.10
N THR B 33 17.81 -4.56 1.94
CA THR B 33 19.22 -4.25 2.23
C THR B 33 20.04 -4.32 0.95
N ASP B 34 19.86 -5.39 0.17
CA ASP B 34 20.58 -5.60 -1.10
C ASP B 34 20.18 -4.54 -2.15
N LEU B 35 18.91 -4.17 -2.20
CA LEU B 35 18.42 -3.17 -3.13
C LEU B 35 19.10 -1.80 -2.88
N TRP B 36 19.17 -1.36 -1.61
CA TRP B 36 19.82 -0.07 -1.33
C TRP B 36 21.36 -0.13 -1.49
N LYS B 37 21.96 -1.32 -1.38
CA LYS B 37 23.40 -1.49 -1.62
C LYS B 37 23.70 -1.34 -3.12
N GLU B 38 22.77 -1.76 -4.00
CA GLU B 38 22.96 -1.64 -5.44
C GLU B 38 22.63 -0.22 -6.00
N SER B 39 22.21 0.71 -5.15
CA SER B 39 21.97 2.10 -5.57
C SER B 39 23.20 2.96 -5.19
N GLY B 40 23.70 2.74 -3.97
CA GLY B 40 24.87 3.42 -3.43
C GLY B 40 25.34 2.75 -2.15
#